data_4P3B
#
_entry.id   4P3B
#
_cell.length_a   55.210
_cell.length_b   55.210
_cell.length_c   117.430
_cell.angle_alpha   90.000
_cell.angle_beta   90.000
_cell.angle_gamma   90.000
#
_symmetry.space_group_name_H-M   'P 43'
#
loop_
_entity.id
_entity.type
_entity.pdbx_description
1 polymer 'Complement C5'
2 non-polymer 'FORMIC ACID'
3 water water
#
_entity_poly.entity_id   1
_entity_poly.type   'polypeptide(L)'
_entity_poly.pdbx_seq_one_letter_code
;GANLHLLRQKIEEQAAKYKHSVPKKCCYDGARVNFYETCEERVARVTIGPLCIRAFNECCTIANKIRKESPHKPVQLG
;
_entity_poly.pdbx_strand_id   A,B,C,D
#
loop_
_chem_comp.id
_chem_comp.type
_chem_comp.name
_chem_comp.formula
FMT non-polymer 'FORMIC ACID' 'C H2 O2'
#
# COMPACT_ATOMS: atom_id res chain seq x y z
N GLY A 1 8.30 17.46 9.63
CA GLY A 1 7.77 16.15 9.97
C GLY A 1 8.19 15.08 8.98
N ALA A 2 7.21 14.34 8.47
CA ALA A 2 7.48 13.27 7.52
C ALA A 2 8.08 13.81 6.23
N ASN A 3 8.95 13.02 5.61
CA ASN A 3 9.57 13.40 4.35
C ASN A 3 8.55 13.33 3.22
N LEU A 4 7.87 14.44 2.98
CA LEU A 4 6.84 14.51 1.96
C LEU A 4 7.42 14.38 0.55
N HIS A 5 8.64 14.86 0.38
CA HIS A 5 9.38 14.67 -0.86
C HIS A 5 9.48 13.19 -1.18
N LEU A 6 9.99 12.42 -0.23
CA LEU A 6 10.15 10.98 -0.42
C LEU A 6 8.79 10.34 -0.60
N LEU A 7 7.83 10.82 0.17
CA LEU A 7 6.47 10.32 0.12
C LEU A 7 5.93 10.38 -1.31
N ARG A 8 5.98 11.55 -1.92
CA ARG A 8 5.46 11.72 -3.28
C ARG A 8 6.20 10.85 -4.30
N GLN A 9 7.52 10.80 -4.20
CA GLN A 9 8.30 10.07 -5.20
C GLN A 9 8.13 8.56 -5.06
N LYS A 10 7.91 8.08 -3.85
CA LYS A 10 7.71 6.65 -3.64
C LYS A 10 6.33 6.22 -4.13
N ILE A 11 5.36 7.12 -3.97
CA ILE A 11 4.00 6.84 -4.43
C ILE A 11 3.95 6.87 -5.96
N GLU A 12 4.63 7.83 -6.57
CA GLU A 12 4.71 7.91 -8.02
C GLU A 12 5.40 6.68 -8.60
N GLU A 13 6.44 6.19 -7.92
CA GLU A 13 7.11 4.96 -8.32
C GLU A 13 6.14 3.79 -8.32
N GLN A 14 5.26 3.75 -7.34
CA GLN A 14 4.33 2.64 -7.20
C GLN A 14 3.20 2.72 -8.22
N ALA A 15 2.69 3.93 -8.43
CA ALA A 15 1.62 4.16 -9.41
C ALA A 15 2.10 3.84 -10.82
N ALA A 16 3.41 4.00 -11.05
CA ALA A 16 3.99 3.72 -12.34
C ALA A 16 4.04 2.22 -12.64
N LYS A 17 3.88 1.41 -11.60
CA LYS A 17 3.90 -0.05 -11.77
C LYS A 17 2.56 -0.55 -12.33
N TYR A 18 1.57 0.32 -12.37
CA TYR A 18 0.26 -0.05 -12.88
C TYR A 18 0.05 0.47 -14.29
N LYS A 19 -0.68 -0.30 -15.09
CA LYS A 19 -0.84 0.02 -16.50
C LYS A 19 -1.87 1.12 -16.76
N HIS A 20 -3.01 1.02 -16.07
CA HIS A 20 -4.13 1.90 -16.37
C HIS A 20 -4.37 3.00 -15.35
N SER A 21 -5.11 4.01 -15.77
CA SER A 21 -5.32 5.22 -14.99
C SER A 21 -6.04 4.99 -13.67
N VAL A 22 -7.10 4.17 -13.68
CA VAL A 22 -7.90 4.01 -12.48
C VAL A 22 -7.10 3.39 -11.32
N PRO A 23 -6.34 2.29 -11.56
CA PRO A 23 -5.54 1.80 -10.43
C PRO A 23 -4.51 2.83 -9.95
N LYS A 24 -3.96 3.62 -10.87
CA LYS A 24 -3.04 4.70 -10.50
C LYS A 24 -3.72 5.68 -9.54
N LYS A 25 -4.95 6.06 -9.86
CA LYS A 25 -5.70 6.98 -9.03
C LYS A 25 -6.09 6.35 -7.69
N CYS A 26 -6.33 5.04 -7.70
CA CYS A 26 -6.62 4.31 -6.46
C CYS A 26 -5.40 4.32 -5.56
N CYS A 27 -4.22 4.30 -6.18
CA CYS A 27 -2.97 4.40 -5.46
C CYS A 27 -2.83 5.75 -4.79
N TYR A 28 -2.95 6.81 -5.59
CA TYR A 28 -2.87 8.18 -5.07
C TYR A 28 -3.90 8.43 -3.97
N ASP A 29 -5.10 7.87 -4.14
CA ASP A 29 -6.15 8.04 -3.14
C ASP A 29 -5.82 7.32 -1.83
N GLY A 30 -5.28 6.11 -1.95
CA GLY A 30 -4.88 5.35 -0.78
C GLY A 30 -3.76 6.03 -0.01
N ALA A 31 -2.92 6.76 -0.74
CA ALA A 31 -1.76 7.40 -0.15
C ALA A 31 -2.13 8.65 0.64
N ARG A 32 -3.37 9.12 0.50
CA ARG A 32 -3.80 10.32 1.20
C ARG A 32 -3.96 10.05 2.70
N VAL A 33 -3.70 11.07 3.51
CA VAL A 33 -3.66 10.88 4.95
C VAL A 33 -5.05 10.59 5.51
N ASN A 34 -5.10 9.66 6.46
CA ASN A 34 -6.32 9.33 7.18
C ASN A 34 -5.95 9.02 8.62
N PHE A 35 -6.39 9.88 9.54
CA PHE A 35 -5.98 9.78 10.94
C PHE A 35 -6.72 8.69 11.72
N TYR A 36 -7.82 8.19 11.16
CA TYR A 36 -8.76 7.40 11.97
C TYR A 36 -8.84 5.93 11.64
N GLU A 37 -8.31 5.53 10.49
CA GLU A 37 -8.36 4.13 10.09
C GLU A 37 -7.04 3.64 9.53
N THR A 38 -6.72 2.38 9.80
CA THR A 38 -5.54 1.76 9.22
C THR A 38 -5.78 1.46 7.75
N CYS A 39 -4.73 1.10 7.03
CA CYS A 39 -4.84 0.83 5.61
C CYS A 39 -5.80 -0.33 5.32
N GLU A 40 -5.77 -1.35 6.16
CA GLU A 40 -6.68 -2.49 5.99
C GLU A 40 -8.13 -2.06 6.18
N GLU A 41 -8.38 -1.26 7.22
CA GLU A 41 -9.70 -0.67 7.45
C GLU A 41 -10.19 0.10 6.24
N ARG A 42 -9.30 0.94 5.71
CA ARG A 42 -9.64 1.82 4.60
C ARG A 42 -9.91 1.04 3.32
N VAL A 43 -9.04 0.07 3.01
CA VAL A 43 -9.18 -0.67 1.77
C VAL A 43 -10.36 -1.63 1.84
N ALA A 44 -10.80 -1.96 3.06
CA ALA A 44 -11.96 -2.81 3.23
C ALA A 44 -13.21 -2.12 2.73
N ARG A 45 -13.15 -0.80 2.62
CA ARG A 45 -14.26 0.01 2.16
C ARG A 45 -14.38 0.04 0.63
N VAL A 46 -13.28 -0.28 -0.05
CA VAL A 46 -13.21 -0.13 -1.51
C VAL A 46 -13.62 -1.40 -2.26
N THR A 47 -14.51 -1.26 -3.23
CA THR A 47 -14.98 -2.41 -4.01
C THR A 47 -14.96 -2.19 -5.52
N ILE A 48 -14.25 -1.16 -5.98
CA ILE A 48 -14.21 -0.84 -7.41
C ILE A 48 -13.69 -2.01 -8.24
N GLY A 49 -12.62 -2.66 -7.78
CA GLY A 49 -12.07 -3.81 -8.48
C GLY A 49 -10.78 -4.27 -7.84
N PRO A 50 -10.38 -5.52 -8.11
CA PRO A 50 -9.20 -6.13 -7.48
C PRO A 50 -7.91 -5.32 -7.66
N LEU A 51 -7.67 -4.77 -8.86
CA LEU A 51 -6.46 -4.02 -9.11
C LEU A 51 -6.48 -2.66 -8.41
N CYS A 52 -7.65 -2.05 -8.38
CA CYS A 52 -7.81 -0.79 -7.65
C CYS A 52 -7.56 -1.03 -6.15
N ILE A 53 -8.11 -2.11 -5.63
CA ILE A 53 -7.94 -2.48 -4.23
C ILE A 53 -6.47 -2.70 -3.90
N ARG A 54 -5.78 -3.41 -4.77
CA ARG A 54 -4.37 -3.74 -4.56
C ARG A 54 -3.50 -2.49 -4.56
N ALA A 55 -3.73 -1.60 -5.53
CA ALA A 55 -2.99 -0.35 -5.62
C ALA A 55 -3.28 0.55 -4.43
N PHE A 56 -4.54 0.61 -4.01
CA PHE A 56 -4.94 1.41 -2.87
C PHE A 56 -4.21 0.94 -1.61
N ASN A 57 -4.25 -0.36 -1.37
CA ASN A 57 -3.61 -0.93 -0.19
C ASN A 57 -2.10 -0.76 -0.20
N GLU A 58 -1.46 -1.00 -1.34
CA GLU A 58 -0.01 -0.89 -1.47
C GLU A 58 0.48 0.53 -1.21
N CYS A 59 -0.20 1.50 -1.79
CA CYS A 59 0.23 2.89 -1.68
C CYS A 59 -0.13 3.49 -0.33
N CYS A 60 -1.22 3.02 0.25
CA CYS A 60 -1.55 3.40 1.61
C CYS A 60 -0.45 2.93 2.55
N THR A 61 -0.06 1.67 2.41
CA THR A 61 0.98 1.07 3.24
C THR A 61 2.30 1.82 3.11
N ILE A 62 2.68 2.14 1.88
CA ILE A 62 3.89 2.89 1.60
C ILE A 62 3.86 4.28 2.25
N ALA A 63 2.73 4.95 2.12
CA ALA A 63 2.57 6.30 2.63
C ALA A 63 2.62 6.36 4.15
N ASN A 64 1.82 5.50 4.80
CA ASN A 64 1.75 5.46 6.26
C ASN A 64 3.07 5.05 6.90
N LYS A 65 3.80 4.14 6.27
CA LYS A 65 5.09 3.71 6.78
C LYS A 65 6.08 4.87 6.76
N ILE A 66 6.03 5.67 5.70
CA ILE A 66 6.89 6.85 5.61
C ILE A 66 6.50 7.87 6.68
N ARG A 67 5.20 8.00 6.94
CA ARG A 67 4.70 8.89 7.98
C ARG A 67 5.05 8.39 9.38
N LYS A 68 4.98 7.07 9.56
CA LYS A 68 5.27 6.46 10.86
C LYS A 68 6.68 6.78 11.34
N GLU A 69 7.66 6.59 10.46
CA GLU A 69 9.05 6.90 10.78
C GLU A 69 9.32 8.39 10.70
N ALA B 2 -1.96 -7.98 11.36
CA ALA B 2 -1.32 -7.68 10.09
C ALA B 2 -2.35 -7.38 9.00
N ASN B 3 -1.95 -6.57 8.03
CA ASN B 3 -2.81 -6.26 6.89
C ASN B 3 -3.04 -7.53 6.08
N LEU B 4 -4.22 -8.13 6.24
CA LEU B 4 -4.50 -9.41 5.61
C LEU B 4 -4.67 -9.29 4.11
N HIS B 5 -5.08 -8.11 3.65
CA HIS B 5 -5.10 -7.84 2.21
C HIS B 5 -3.67 -7.84 1.68
N LEU B 6 -2.77 -7.20 2.41
CA LEU B 6 -1.36 -7.20 2.07
C LEU B 6 -0.82 -8.63 2.07
N LEU B 7 -1.17 -9.37 3.11
CA LEU B 7 -0.71 -10.74 3.25
C LEU B 7 -1.11 -11.59 2.05
N ARG B 8 -2.38 -11.53 1.66
CA ARG B 8 -2.88 -12.32 0.56
C ARG B 8 -2.16 -12.01 -0.75
N GLN B 9 -2.02 -10.73 -1.07
CA GLN B 9 -1.43 -10.35 -2.35
C GLN B 9 0.08 -10.65 -2.39
N LYS B 10 0.73 -10.64 -1.23
CA LYS B 10 2.13 -11.02 -1.17
C LYS B 10 2.29 -12.51 -1.45
N ILE B 11 1.35 -13.31 -0.96
CA ILE B 11 1.38 -14.74 -1.19
C ILE B 11 1.01 -15.07 -2.63
N GLU B 12 0.00 -14.39 -3.16
CA GLU B 12 -0.39 -14.54 -4.56
C GLU B 12 0.76 -14.18 -5.49
N GLU B 13 1.43 -13.08 -5.18
CA GLU B 13 2.62 -12.66 -5.93
C GLU B 13 3.65 -13.77 -6.00
N GLN B 14 3.93 -14.38 -4.85
CA GLN B 14 4.97 -15.39 -4.78
C GLN B 14 4.56 -16.68 -5.48
N ALA B 15 3.28 -17.04 -5.36
CA ALA B 15 2.77 -18.25 -6.00
C ALA B 15 2.87 -18.15 -7.52
N ALA B 16 2.80 -16.93 -8.04
CA ALA B 16 2.91 -16.69 -9.47
C ALA B 16 4.30 -17.01 -9.99
N LYS B 17 5.28 -16.96 -9.09
CA LYS B 17 6.67 -17.21 -9.47
C LYS B 17 6.95 -18.69 -9.79
N TYR B 18 6.02 -19.56 -9.41
CA TYR B 18 6.19 -20.99 -9.67
C TYR B 18 5.45 -21.40 -10.95
N LYS B 19 6.07 -22.32 -11.68
CA LYS B 19 5.57 -22.70 -12.99
C LYS B 19 4.34 -23.63 -12.92
N HIS B 20 4.29 -24.48 -11.91
CA HIS B 20 3.29 -25.54 -11.90
C HIS B 20 2.26 -25.47 -10.77
N SER B 21 1.14 -26.15 -10.98
CA SER B 21 -0.03 -26.05 -10.12
C SER B 21 0.20 -26.54 -8.69
N VAL B 22 0.73 -27.75 -8.55
CA VAL B 22 0.95 -28.32 -7.21
C VAL B 22 1.86 -27.45 -6.35
N PRO B 23 3.01 -26.99 -6.89
CA PRO B 23 3.81 -26.06 -6.07
C PRO B 23 3.06 -24.78 -5.66
N LYS B 24 2.21 -24.26 -6.54
CA LYS B 24 1.39 -23.10 -6.18
C LYS B 24 0.52 -23.40 -4.96
N LYS B 25 -0.09 -24.59 -4.94
CA LYS B 25 -0.94 -24.97 -3.83
C LYS B 25 -0.12 -25.19 -2.57
N CYS B 26 1.08 -25.71 -2.72
CA CYS B 26 2.01 -25.88 -1.60
C CYS B 26 2.34 -24.53 -0.99
N CYS B 27 2.48 -23.51 -1.84
CA CYS B 27 2.72 -22.15 -1.39
C CYS B 27 1.57 -21.65 -0.52
N TYR B 28 0.35 -21.79 -1.03
CA TYR B 28 -0.83 -21.35 -0.30
C TYR B 28 -0.98 -22.11 1.01
N ASP B 29 -0.70 -23.41 0.97
CA ASP B 29 -0.80 -24.24 2.16
C ASP B 29 0.22 -23.81 3.20
N GLY B 30 1.43 -23.47 2.74
CA GLY B 30 2.49 -23.05 3.63
C GLY B 30 2.19 -21.72 4.29
N ALA B 31 1.41 -20.89 3.60
CA ALA B 31 1.10 -19.54 4.10
C ALA B 31 0.09 -19.57 5.24
N ARG B 32 -0.55 -20.72 5.44
CA ARG B 32 -1.55 -20.84 6.48
C ARG B 32 -0.91 -20.80 7.86
N VAL B 33 -1.57 -20.13 8.79
CA VAL B 33 -1.02 -19.96 10.12
C VAL B 33 -0.90 -21.30 10.83
N ASN B 34 0.16 -21.44 11.60
CA ASN B 34 0.39 -22.60 12.44
C ASN B 34 1.06 -22.13 13.72
N PHE B 35 0.40 -22.34 14.85
CA PHE B 35 0.87 -21.79 16.12
C PHE B 35 1.95 -22.62 16.80
N TYR B 36 2.20 -23.83 16.33
CA TYR B 36 3.05 -24.75 17.10
C TYR B 36 4.39 -25.06 16.45
N GLU B 37 4.50 -24.85 15.14
CA GLU B 37 5.73 -25.18 14.44
C GLU B 37 6.25 -24.04 13.57
N THR B 38 7.56 -23.96 13.46
CA THR B 38 8.20 -23.00 12.56
C THR B 38 8.06 -23.46 11.10
N CYS B 39 8.41 -22.57 10.17
CA CYS B 39 8.33 -22.89 8.75
C CYS B 39 9.23 -24.07 8.36
N GLU B 40 10.47 -24.07 8.85
CA GLU B 40 11.40 -25.15 8.53
C GLU B 40 10.92 -26.45 9.15
N GLU B 41 10.23 -26.31 10.27
CA GLU B 41 9.68 -27.44 11.01
C GLU B 41 8.51 -28.06 10.23
N ARG B 42 7.59 -27.21 9.79
CA ARG B 42 6.43 -27.64 9.02
C ARG B 42 6.82 -28.24 7.68
N VAL B 43 7.78 -27.62 6.98
CA VAL B 43 8.12 -28.07 5.64
C VAL B 43 8.94 -29.37 5.67
N ALA B 44 9.52 -29.67 6.83
CA ALA B 44 10.24 -30.94 7.01
C ALA B 44 9.27 -32.11 6.93
N ARG B 45 7.99 -31.83 7.15
CA ARG B 45 6.94 -32.85 7.05
C ARG B 45 6.57 -33.18 5.61
N VAL B 46 6.91 -32.29 4.69
CA VAL B 46 6.46 -32.43 3.30
C VAL B 46 7.48 -33.14 2.41
N THR B 47 7.04 -34.16 1.69
CA THR B 47 7.94 -34.94 0.83
C THR B 47 7.44 -35.06 -0.61
N ILE B 48 6.46 -34.23 -0.98
CA ILE B 48 5.87 -34.31 -2.32
C ILE B 48 6.88 -34.04 -3.43
N GLY B 49 7.71 -33.03 -3.25
CA GLY B 49 8.72 -32.71 -4.24
C GLY B 49 9.49 -31.44 -3.91
N PRO B 50 10.71 -31.31 -4.46
CA PRO B 50 11.60 -30.18 -4.21
C PRO B 50 10.96 -28.80 -4.46
N LEU B 51 10.18 -28.66 -5.53
CA LEU B 51 9.57 -27.38 -5.84
C LEU B 51 8.36 -27.09 -4.96
N CYS B 52 7.64 -28.13 -4.58
CA CYS B 52 6.54 -27.97 -3.63
C CYS B 52 7.11 -27.61 -2.26
N ILE B 53 8.18 -28.29 -1.89
CA ILE B 53 8.89 -28.01 -0.64
C ILE B 53 9.42 -26.59 -0.63
N ARG B 54 9.96 -26.15 -1.77
CA ARG B 54 10.50 -24.80 -1.87
C ARG B 54 9.40 -23.74 -1.76
N ALA B 55 8.29 -23.97 -2.44
CA ALA B 55 7.15 -23.04 -2.42
C ALA B 55 6.55 -22.94 -1.01
N PHE B 56 6.37 -24.08 -0.37
CA PHE B 56 5.83 -24.14 0.98
C PHE B 56 6.70 -23.33 1.94
N ASN B 57 8.01 -23.57 1.91
CA ASN B 57 8.91 -22.91 2.84
C ASN B 57 8.98 -21.40 2.60
N GLU B 58 9.03 -21.02 1.33
CA GLU B 58 9.11 -19.59 0.98
C GLU B 58 7.86 -18.83 1.39
N CYS B 59 6.70 -19.37 1.03
CA CYS B 59 5.44 -18.70 1.30
C CYS B 59 5.09 -18.70 2.78
N CYS B 60 5.46 -19.77 3.47
CA CYS B 60 5.32 -19.81 4.93
C CYS B 60 6.15 -18.68 5.53
N THR B 61 7.38 -18.55 5.05
CA THR B 61 8.31 -17.54 5.56
C THR B 61 7.78 -16.12 5.36
N ILE B 62 7.26 -15.85 4.17
CA ILE B 62 6.70 -14.55 3.84
C ILE B 62 5.51 -14.24 4.74
N ALA B 63 4.65 -15.22 4.94
CA ALA B 63 3.45 -15.05 5.75
C ALA B 63 3.78 -14.82 7.23
N ASN B 64 4.65 -15.66 7.78
CA ASN B 64 5.05 -15.55 9.18
C ASN B 64 5.80 -14.25 9.45
N LYS B 65 6.57 -13.81 8.46
CA LYS B 65 7.31 -12.56 8.56
C LYS B 65 6.33 -11.39 8.67
N ILE B 66 5.31 -11.40 7.83
CA ILE B 66 4.29 -10.35 7.85
C ILE B 66 3.50 -10.39 9.16
N ARG B 67 3.24 -11.59 9.67
CA ARG B 67 2.54 -11.72 10.94
C ARG B 67 3.40 -11.24 12.10
N LYS B 68 4.68 -11.59 12.05
CA LYS B 68 5.65 -11.18 13.08
C LYS B 68 5.70 -9.67 13.24
N GLU B 69 5.60 -8.95 12.12
CA GLU B 69 5.59 -7.50 12.13
C GLU B 69 4.19 -6.95 12.38
N SER B 70 3.62 -7.27 13.54
CA SER B 70 2.28 -6.80 13.91
C SER B 70 1.24 -7.19 12.86
N GLY C 1 -32.46 1.34 16.24
CA GLY C 1 -31.75 2.48 15.68
C GLY C 1 -32.40 2.99 14.42
N ALA C 2 -31.59 3.31 13.42
CA ALA C 2 -32.08 3.78 12.14
C ALA C 2 -32.66 2.62 11.33
N ASN C 3 -33.57 2.94 10.42
CA ASN C 3 -34.15 1.92 9.55
C ASN C 3 -33.11 1.46 8.53
N LEU C 4 -32.29 0.48 8.93
CA LEU C 4 -31.21 -0.01 8.09
C LEU C 4 -31.73 -0.68 6.83
N HIS C 5 -32.92 -1.26 6.92
CA HIS C 5 -33.55 -1.88 5.77
C HIS C 5 -33.89 -0.80 4.74
N LEU C 6 -34.46 0.30 5.21
CA LEU C 6 -34.76 1.44 4.35
C LEU C 6 -33.49 2.00 3.74
N LEU C 7 -32.44 2.08 4.54
CA LEU C 7 -31.17 2.61 4.09
C LEU C 7 -30.63 1.84 2.90
N ARG C 8 -30.58 0.52 3.03
CA ARG C 8 -30.12 -0.33 1.94
C ARG C 8 -30.96 -0.12 0.68
N GLN C 9 -32.27 0.02 0.87
CA GLN C 9 -33.18 0.22 -0.25
C GLN C 9 -32.88 1.52 -0.98
N LYS C 10 -32.63 2.59 -0.23
CA LYS C 10 -32.36 3.89 -0.82
C LYS C 10 -31.03 3.90 -1.56
N ILE C 11 -30.04 3.22 -0.99
CA ILE C 11 -28.73 3.13 -1.61
C ILE C 11 -28.80 2.33 -2.91
N GLU C 12 -29.58 1.24 -2.89
CA GLU C 12 -29.77 0.45 -4.11
C GLU C 12 -30.48 1.26 -5.18
N GLU C 13 -31.46 2.05 -4.77
CA GLU C 13 -32.18 2.94 -5.68
C GLU C 13 -31.24 3.96 -6.31
N GLN C 14 -30.32 4.49 -5.52
CA GLN C 14 -29.43 5.52 -6.02
C GLN C 14 -28.38 4.91 -6.95
N ALA C 15 -27.93 3.72 -6.61
CA ALA C 15 -26.95 3.02 -7.44
C ALA C 15 -27.55 2.66 -8.79
N ALA C 16 -28.85 2.36 -8.80
CA ALA C 16 -29.57 2.02 -10.02
C ALA C 16 -29.59 3.19 -11.00
N LYS C 17 -29.46 4.41 -10.48
CA LYS C 17 -29.50 5.60 -11.34
C LYS C 17 -28.22 5.75 -12.15
N TYR C 18 -27.21 4.95 -11.84
CA TYR C 18 -25.95 5.01 -12.57
C TYR C 18 -25.78 3.80 -13.47
N LYS C 19 -25.53 4.06 -14.76
CA LYS C 19 -25.43 3.01 -15.76
C LYS C 19 -24.08 2.29 -15.73
N HIS C 20 -23.01 3.04 -15.45
CA HIS C 20 -21.69 2.45 -15.42
C HIS C 20 -21.45 1.66 -14.14
N SER C 21 -20.55 0.69 -14.20
CA SER C 21 -20.29 -0.19 -13.07
C SER C 21 -19.56 0.52 -11.93
N VAL C 22 -18.57 1.34 -12.25
CA VAL C 22 -17.75 1.98 -11.23
C VAL C 22 -18.53 2.94 -10.28
N PRO C 23 -19.37 3.84 -10.83
CA PRO C 23 -20.11 4.70 -9.90
C PRO C 23 -21.07 3.93 -8.98
N LYS C 24 -21.55 2.76 -9.42
CA LYS C 24 -22.33 1.91 -8.54
C LYS C 24 -21.51 1.51 -7.32
N LYS C 25 -20.27 1.09 -7.58
CA LYS C 25 -19.37 0.65 -6.51
C LYS C 25 -19.03 1.81 -5.58
N CYS C 26 -18.80 2.98 -6.16
CA CYS C 26 -18.51 4.17 -5.38
C CYS C 26 -19.71 4.57 -4.53
N CYS C 27 -20.90 4.33 -5.04
CA CYS C 27 -22.12 4.59 -4.28
C CYS C 27 -22.19 3.71 -3.04
N TYR C 28 -22.01 2.41 -3.24
CA TYR C 28 -22.05 1.47 -2.11
C TYR C 28 -20.95 1.75 -1.11
N ASP C 29 -19.76 2.05 -1.61
CA ASP C 29 -18.63 2.38 -0.74
C ASP C 29 -18.91 3.62 0.08
N GLY C 30 -19.44 4.65 -0.56
CA GLY C 30 -19.75 5.90 0.11
C GLY C 30 -20.83 5.74 1.17
N ALA C 31 -21.67 4.71 1.01
CA ALA C 31 -22.77 4.47 1.92
C ALA C 31 -22.30 3.87 3.26
N ARG C 32 -21.07 3.38 3.30
CA ARG C 32 -20.56 2.74 4.51
C ARG C 32 -20.32 3.77 5.61
N VAL C 33 -20.72 3.41 6.83
CA VAL C 33 -20.65 4.32 7.95
C VAL C 33 -19.21 4.76 8.21
N ASN C 34 -19.04 6.05 8.46
CA ASN C 34 -17.79 6.61 8.94
C ASN C 34 -18.14 7.64 10.00
N PHE C 35 -17.87 7.30 11.26
CA PHE C 35 -18.30 8.12 12.39
C PHE C 35 -17.55 9.45 12.49
N TYR C 36 -16.32 9.48 12.02
CA TYR C 36 -15.41 10.56 12.38
C TYR C 36 -15.10 11.51 11.24
N GLU C 37 -15.61 11.21 10.05
CA GLU C 37 -15.38 12.05 8.89
C GLU C 37 -16.66 12.30 8.12
N THR C 38 -16.86 13.55 7.71
CA THR C 38 -18.02 13.94 6.93
C THR C 38 -17.90 13.45 5.49
N CYS C 39 -19.01 13.47 4.76
CA CYS C 39 -19.00 13.06 3.36
C CYS C 39 -18.02 13.90 2.54
N GLU C 40 -17.99 15.20 2.82
CA GLU C 40 -17.09 16.12 2.14
C GLU C 40 -15.63 15.73 2.35
N GLU C 41 -15.28 15.34 3.57
CA GLU C 41 -13.92 14.96 3.93
C GLU C 41 -13.54 13.62 3.30
N ARG C 42 -14.50 12.69 3.27
CA ARG C 42 -14.26 11.38 2.68
C ARG C 42 -14.10 11.45 1.16
N VAL C 43 -14.99 12.18 0.49
CA VAL C 43 -14.98 12.24 -0.97
C VAL C 43 -13.79 13.08 -1.46
N ALA C 44 -13.26 13.94 -0.58
CA ALA C 44 -12.06 14.72 -0.88
C ALA C 44 -10.87 13.83 -1.20
N ARG C 45 -10.90 12.59 -0.73
CA ARG C 45 -9.82 11.65 -1.01
C ARG C 45 -10.11 10.80 -2.26
N VAL C 46 -11.23 11.05 -2.92
CA VAL C 46 -11.60 10.27 -4.10
C VAL C 46 -11.40 11.07 -5.39
N THR C 47 -10.61 10.52 -6.30
CA THR C 47 -10.26 11.23 -7.55
C THR C 47 -10.46 10.36 -8.80
N ILE C 48 -11.19 9.27 -8.66
CA ILE C 48 -11.28 8.28 -9.72
C ILE C 48 -12.01 8.80 -10.96
N GLY C 49 -13.06 9.60 -10.75
CA GLY C 49 -13.79 10.18 -11.86
C GLY C 49 -15.00 10.95 -11.37
N PRO C 50 -15.57 11.78 -12.25
CA PRO C 50 -16.70 12.66 -11.91
C PRO C 50 -17.96 11.88 -11.51
N LEU C 51 -18.19 10.73 -12.13
CA LEU C 51 -19.37 9.94 -11.83
C LEU C 51 -19.21 9.24 -10.48
N CYS C 52 -18.03 8.69 -10.25
CA CYS C 52 -17.71 8.02 -8.99
C CYS C 52 -17.80 9.00 -7.83
N ILE C 53 -17.30 10.21 -8.05
CA ILE C 53 -17.31 11.25 -7.04
C ILE C 53 -18.73 11.70 -6.73
N ARG C 54 -19.54 11.87 -7.77
CA ARG C 54 -20.93 12.25 -7.56
C ARG C 54 -21.71 11.15 -6.85
N ALA C 55 -21.52 9.90 -7.30
CA ALA C 55 -22.18 8.75 -6.71
C ALA C 55 -21.80 8.56 -5.24
N PHE C 56 -20.49 8.61 -4.96
CA PHE C 56 -19.98 8.50 -3.60
C PHE C 56 -20.63 9.54 -2.70
N ASN C 57 -20.55 10.80 -3.13
CA ASN C 57 -21.10 11.90 -2.36
C ASN C 57 -22.61 11.77 -2.12
N GLU C 58 -23.35 11.42 -3.17
CA GLU C 58 -24.81 11.29 -3.06
C GLU C 58 -25.22 10.18 -2.09
N CYS C 59 -24.63 9.00 -2.24
CA CYS C 59 -25.00 7.87 -1.42
C CYS C 59 -24.50 8.01 0.02
N CYS C 60 -23.33 8.63 0.19
CA CYS C 60 -22.83 8.96 1.52
C CYS C 60 -23.80 9.89 2.23
N THR C 61 -24.25 10.91 1.52
CA THR C 61 -25.19 11.88 2.06
C THR C 61 -26.52 11.24 2.40
N ILE C 62 -27.02 10.39 1.50
CA ILE C 62 -28.28 9.68 1.71
C ILE C 62 -28.19 8.81 2.96
N ALA C 63 -27.12 8.04 3.06
CA ALA C 63 -26.92 7.14 4.19
C ALA C 63 -26.81 7.90 5.50
N ASN C 64 -25.96 8.92 5.54
CA ASN C 64 -25.75 9.70 6.76
C ASN C 64 -27.02 10.42 7.21
N LYS C 65 -27.81 10.88 6.25
CA LYS C 65 -29.03 11.59 6.56
C LYS C 65 -30.01 10.68 7.29
N ILE C 66 -30.15 9.46 6.79
CA ILE C 66 -31.00 8.46 7.42
C ILE C 66 -30.48 8.14 8.82
N ARG C 67 -29.15 8.18 8.98
CA ARG C 67 -28.52 7.95 10.26
C ARG C 67 -28.69 9.10 11.23
N LYS C 68 -28.47 10.32 10.73
CA LYS C 68 -28.44 11.51 11.59
C LYS C 68 -29.80 11.80 12.23
N GLU C 69 -30.87 11.56 11.48
CA GLU C 69 -32.21 11.72 12.00
C GLU C 69 -32.60 10.52 12.86
N SER C 70 -31.66 9.59 13.01
CA SER C 70 -31.81 8.39 13.83
C SER C 70 -33.15 7.68 13.62
N ALA D 2 27.28 3.95 14.43
CA ALA D 2 26.86 3.63 13.07
C ALA D 2 27.59 2.41 12.55
N ASN D 3 26.83 1.47 12.00
CA ASN D 3 27.42 0.28 11.37
C ASN D 3 27.97 0.64 9.99
N LEU D 4 29.23 1.04 9.94
CA LEU D 4 29.85 1.51 8.71
C LEU D 4 29.78 0.50 7.57
N HIS D 5 29.94 -0.78 7.88
CA HIS D 5 29.91 -1.79 6.83
C HIS D 5 28.53 -1.93 6.21
N LEU D 6 27.50 -2.07 7.06
CA LEU D 6 26.14 -2.19 6.58
C LEU D 6 25.75 -0.97 5.76
N LEU D 7 26.19 0.20 6.23
CA LEU D 7 25.86 1.45 5.56
C LEU D 7 26.37 1.46 4.13
N ARG D 8 27.65 1.14 3.96
CA ARG D 8 28.22 1.11 2.62
C ARG D 8 27.51 0.06 1.76
N GLN D 9 27.33 -1.14 2.31
CA GLN D 9 26.67 -2.22 1.57
C GLN D 9 25.31 -1.81 1.02
N LYS D 10 24.49 -1.19 1.86
CA LYS D 10 23.14 -0.82 1.46
C LYS D 10 23.12 0.36 0.50
N ILE D 11 24.05 1.29 0.67
CA ILE D 11 24.12 2.44 -0.22
C ILE D 11 24.59 2.02 -1.63
N GLU D 12 25.60 1.16 -1.68
CA GLU D 12 26.09 0.66 -2.95
C GLU D 12 24.99 -0.11 -3.69
N GLU D 13 24.19 -0.84 -2.93
CA GLU D 13 23.02 -1.53 -3.48
C GLU D 13 22.10 -0.58 -4.23
N GLN D 14 21.82 0.56 -3.60
CA GLN D 14 20.88 1.52 -4.16
C GLN D 14 21.51 2.31 -5.30
N ALA D 15 22.80 2.57 -5.18
CA ALA D 15 23.54 3.28 -6.21
C ALA D 15 23.54 2.51 -7.52
N ALA D 16 23.47 1.17 -7.41
CA ALA D 16 23.48 0.31 -8.59
C ALA D 16 22.16 0.35 -9.34
N LYS D 17 21.10 0.77 -8.65
CA LYS D 17 19.77 0.84 -9.26
C LYS D 17 19.62 2.02 -10.21
N TYR D 18 20.63 2.87 -10.26
CA TYR D 18 20.60 4.03 -11.15
C TYR D 18 21.52 3.82 -12.35
N LYS D 19 20.99 4.03 -13.54
CA LYS D 19 21.74 3.81 -14.79
C LYS D 19 22.78 4.89 -15.04
N HIS D 20 22.39 6.14 -14.83
CA HIS D 20 23.26 7.27 -15.17
C HIS D 20 24.21 7.64 -14.03
N SER D 21 25.31 8.30 -14.38
CA SER D 21 26.37 8.60 -13.41
C SER D 21 25.97 9.68 -12.39
N VAL D 22 25.19 10.65 -12.83
CA VAL D 22 24.80 11.75 -11.95
C VAL D 22 23.87 11.30 -10.81
N PRO D 23 22.81 10.52 -11.11
CA PRO D 23 21.99 10.04 -9.99
C PRO D 23 22.80 9.18 -9.01
N LYS D 24 23.75 8.41 -9.52
CA LYS D 24 24.65 7.62 -8.69
C LYS D 24 25.40 8.52 -7.71
N LYS D 25 26.01 9.57 -8.22
CA LYS D 25 26.80 10.47 -7.39
C LYS D 25 25.90 11.22 -6.41
N CYS D 26 24.70 11.59 -6.85
CA CYS D 26 23.74 12.24 -5.96
C CYS D 26 23.34 11.29 -4.83
N CYS D 27 23.28 10.00 -5.13
CA CYS D 27 23.01 8.99 -4.11
C CYS D 27 24.09 9.01 -3.03
N TYR D 28 25.34 8.84 -3.45
CA TYR D 28 26.46 8.83 -2.52
C TYR D 28 26.54 10.12 -1.72
N ASP D 29 26.30 11.24 -2.40
CA ASP D 29 26.35 12.54 -1.75
C ASP D 29 25.25 12.65 -0.69
N GLY D 30 24.07 12.13 -1.01
CA GLY D 30 22.96 12.18 -0.07
C GLY D 30 23.21 11.29 1.12
N ALA D 31 24.00 10.25 0.91
CA ALA D 31 24.31 9.26 1.94
C ALA D 31 25.25 9.81 3.02
N ARG D 32 25.94 10.91 2.69
CA ARG D 32 26.91 11.49 3.63
C ARG D 32 26.20 12.02 4.86
N VAL D 33 26.80 11.80 6.03
CA VAL D 33 26.13 12.15 7.28
C VAL D 33 26.00 13.66 7.44
N ASN D 34 24.85 14.08 7.96
CA ASN D 34 24.59 15.46 8.32
C ASN D 34 23.79 15.46 9.61
N PHE D 35 24.48 15.73 10.72
CA PHE D 35 23.88 15.56 12.04
C PHE D 35 22.76 16.55 12.32
N TYR D 36 22.75 17.67 11.61
CA TYR D 36 21.94 18.80 12.02
C TYR D 36 20.77 19.10 11.09
N GLU D 37 20.69 18.38 9.98
CA GLU D 37 19.64 18.62 9.01
C GLU D 37 19.01 17.32 8.54
N THR D 38 17.69 17.31 8.42
CA THR D 38 16.97 16.16 7.93
C THR D 38 17.19 15.98 6.43
N CYS D 39 16.83 14.81 5.92
CA CYS D 39 16.99 14.54 4.49
C CYS D 39 16.20 15.52 3.65
N GLU D 40 14.96 15.81 4.06
CA GLU D 40 14.10 16.69 3.29
C GLU D 40 14.62 18.13 3.28
N GLU D 41 15.20 18.56 4.39
CA GLU D 41 15.79 19.90 4.46
C GLU D 41 17.01 19.99 3.56
N ARG D 42 17.77 18.90 3.50
CA ARG D 42 18.98 18.86 2.68
C ARG D 42 18.62 18.82 1.19
N VAL D 43 17.69 17.96 0.81
CA VAL D 43 17.36 17.77 -0.59
C VAL D 43 16.60 18.98 -1.13
N ALA D 44 15.99 19.76 -0.24
CA ALA D 44 15.27 20.96 -0.65
C ALA D 44 16.23 22.01 -1.21
N ARG D 45 17.52 21.84 -0.96
CA ARG D 45 18.51 22.75 -1.51
C ARG D 45 19.04 22.25 -2.86
N VAL D 46 18.63 21.06 -3.25
CA VAL D 46 19.14 20.46 -4.48
C VAL D 46 18.13 20.64 -5.63
N THR D 47 18.59 21.22 -6.73
CA THR D 47 17.71 21.49 -7.87
C THR D 47 18.27 21.01 -9.21
N ILE D 48 19.29 20.17 -9.16
CA ILE D 48 19.95 19.69 -10.37
C ILE D 48 19.01 18.94 -11.31
N GLY D 49 18.07 18.19 -10.76
CA GLY D 49 17.10 17.49 -11.58
C GLY D 49 16.29 16.48 -10.79
N PRO D 50 15.15 16.05 -11.36
CA PRO D 50 14.26 15.09 -10.69
C PRO D 50 14.95 13.77 -10.35
N LEU D 51 15.80 13.26 -11.24
CA LEU D 51 16.50 12.01 -10.99
C LEU D 51 17.53 12.15 -9.88
N CYS D 52 18.31 13.22 -9.91
CA CYS D 52 19.30 13.48 -8.87
C CYS D 52 18.63 13.70 -7.51
N ILE D 53 17.52 14.44 -7.52
CA ILE D 53 16.78 14.73 -6.30
C ILE D 53 16.25 13.45 -5.66
N ARG D 54 15.66 12.58 -6.48
CA ARG D 54 15.10 11.33 -5.99
C ARG D 54 16.19 10.42 -5.43
N ALA D 55 17.33 10.39 -6.09
CA ALA D 55 18.46 9.57 -5.67
C ALA D 55 19.05 10.07 -4.34
N PHE D 56 19.29 11.38 -4.27
CA PHE D 56 19.79 12.02 -3.06
C PHE D 56 18.87 11.69 -1.89
N ASN D 57 17.57 11.92 -2.08
CA ASN D 57 16.60 11.78 -1.01
C ASN D 57 16.49 10.34 -0.51
N GLU D 58 16.48 9.38 -1.43
CA GLU D 58 16.30 7.98 -1.03
C GLU D 58 17.53 7.46 -0.31
N CYS D 59 18.71 7.76 -0.84
CA CYS D 59 19.95 7.28 -0.25
C CYS D 59 20.22 7.97 1.08
N CYS D 60 19.83 9.23 1.20
CA CYS D 60 19.91 9.93 2.47
C CYS D 60 19.05 9.24 3.49
N THR D 61 17.84 8.85 3.07
CA THR D 61 16.89 8.21 3.96
C THR D 61 17.38 6.84 4.39
N ILE D 62 17.91 6.08 3.44
CA ILE D 62 18.49 4.77 3.73
C ILE D 62 19.63 4.88 4.73
N ALA D 63 20.52 5.84 4.51
CA ALA D 63 21.68 6.03 5.37
C ALA D 63 21.25 6.43 6.78
N ASN D 64 20.40 7.44 6.87
CA ASN D 64 19.98 7.97 8.17
C ASN D 64 19.23 6.96 9.00
N LYS D 65 18.45 6.12 8.34
CA LYS D 65 17.71 5.11 9.05
C LYS D 65 18.65 4.07 9.66
N ILE D 66 19.65 3.66 8.90
CA ILE D 66 20.67 2.77 9.41
C ILE D 66 21.38 3.38 10.62
N ARG D 67 21.65 4.69 10.55
CA ARG D 67 22.30 5.39 11.65
C ARG D 67 21.39 5.50 12.86
N LYS D 68 20.09 5.63 12.60
CA LYS D 68 19.12 5.86 13.65
C LYS D 68 18.77 4.60 14.44
N GLU D 69 18.74 3.45 13.77
CA GLU D 69 18.33 2.21 14.41
C GLU D 69 19.53 1.34 14.81
C FMT E . -10.68 5.50 -3.88
O1 FMT E . -9.97 5.50 -4.89
O2 FMT E . -10.69 6.41 -3.05
C FMT F . -9.64 -3.45 -11.47
O1 FMT F . -9.35 -4.58 -11.08
O2 FMT F . -9.57 -2.44 -10.76
C FMT G . -4.10 4.75 11.55
O1 FMT G . -4.41 4.83 12.74
O2 FMT G . -3.40 5.58 10.96
C FMT H . 1.00 -29.19 1.62
O1 FMT H . 1.01 -28.47 0.64
O2 FMT H . 0.07 -29.26 2.41
C FMT I . -9.56 -16.30 -3.55
O1 FMT I . -10.49 -16.92 -4.06
O2 FMT I . -8.50 -16.03 -4.13
C FMT J . 0.70 -30.88 10.22
O1 FMT J . 0.64 -31.70 9.30
O2 FMT J . 1.44 -30.97 11.19
C FMT K . -14.25 4.27 -2.78
O1 FMT K . -14.85 3.69 -3.68
O2 FMT K . -14.40 4.03 -1.58
C FMT L . -16.43 7.52 -13.30
O1 FMT L . -16.41 8.57 -12.66
O2 FMT L . -16.97 6.49 -12.92
C FMT M . -13.93 6.67 3.48
O1 FMT M . -14.18 6.77 4.68
O2 FMT M . -14.80 6.70 2.61
C FMT N . -25.92 -9.64 -0.32
O1 FMT N . -25.49 -9.66 -1.47
O2 FMT N . -26.34 -8.64 0.24
C FMT O . -22.78 -3.93 3.17
O1 FMT O . -22.45 -3.49 4.27
O2 FMT O . -23.84 -3.68 2.61
C FMT P . -25.11 1.79 9.52
O1 FMT P . -25.09 1.40 8.35
O2 FMT P . -25.74 2.77 9.89
C FMT Q . -23.37 6.41 -15.69
O1 FMT Q . -24.45 6.99 -15.61
O2 FMT Q . -22.90 5.70 -14.80
C FMT R . 24.71 16.59 -4.59
O1 FMT R . 24.75 15.52 -5.18
O2 FMT R . 25.10 16.76 -3.44
C FMT S . 27.48 16.12 15.87
O1 FMT S . 27.26 14.92 16.02
O2 FMT S . 27.56 16.93 16.78
#